data_4M51
#
_entry.id   4M51
#
_cell.length_a   92.163
_cell.length_b   75.788
_cell.length_c   76.291
_cell.angle_alpha   90.00
_cell.angle_beta   120.99
_cell.angle_gamma   90.00
#
_symmetry.space_group_name_H-M   'C 1 2 1'
#
loop_
_entity.id
_entity.type
_entity.pdbx_description
1 polymer 'Amidohydrolase family protein'
2 non-polymer 'BENZOIC ACID'
3 non-polymer 'SULFATE ION'
4 non-polymer 'FE (II) ION'
5 non-polymer '4-(2-HYDROXYETHYL)-1-PIPERAZINE ETHANESULFONIC ACID'
6 water water
#
_entity_poly.entity_id   1
_entity_poly.type   'polypeptide(L)'
_entity_poly.pdbx_seq_one_letter_code
;MRIIKPFAILTPQTIIQDKAVAFDKKIEAIDTVENLIKKYPNAAVEHDENSLLLPGFANPHLHLEFSANKATLQYGDFIP
WLYSVIRHREDLLPLCDGACLEQTLSSIIQTGTTAIGAISSYGEDLQACIDSALKVVYFNEVIGANAATADVMYASFLER
FHQSKKHENERFKAAVAIHSPYSVHYILAKRALDIAKKYGSLVSVHFMESRAEREWLDKGSGEFAKFFKEFLNQTRPVND
TKSFLELFKELHTLFVHMVWANEEEIQTIASYNAHIIHCPISNRLLGNGVLDLEKIKSIPYAIATDGLSSNYSLNMYEEL
KAALFVHPNKEATTFAKELIIRATKAGYDALGFEGGEIAVGKDADMQLIDLPEGLTNVEDLYLHVILHTTKPKKVYIQGE
EHVREAENLYFQSHHHHHHWSHPQFEK
;
_entity_poly.pdbx_strand_id   A
#
loop_
_chem_comp.id
_chem_comp.type
_chem_comp.name
_chem_comp.formula
BEZ non-polymer 'BENZOIC ACID' 'C7 H6 O2'
EPE non-polymer '4-(2-HYDROXYETHYL)-1-PIPERAZINE ETHANESULFONIC ACID' 'C8 H18 N2 O4 S'
FE2 non-polymer 'FE (II) ION' 'Fe 2'
SO4 non-polymer 'SULFATE ION' 'O4 S -2'
#
# COMPACT_ATOMS: atom_id res chain seq x y z
N MET A 1 14.63 19.49 19.28
CA MET A 1 13.42 18.91 19.86
C MET A 1 12.29 19.91 19.68
N ARG A 2 11.09 19.43 19.37
CA ARG A 2 9.91 20.25 19.21
C ARG A 2 8.73 19.60 19.95
N ILE A 3 7.76 20.44 20.33
CA ILE A 3 6.53 19.99 20.95
C ILE A 3 5.35 20.54 20.16
N ILE A 4 4.38 19.69 19.85
CA ILE A 4 3.10 20.08 19.26
C ILE A 4 1.97 19.68 20.18
N LYS A 5 1.11 20.65 20.51
CA LYS A 5 -0.10 20.45 21.29
C LYS A 5 -1.33 20.59 20.39
N PRO A 6 -1.92 19.48 19.93
CA PRO A 6 -3.12 19.54 19.10
C PRO A 6 -4.37 19.41 19.98
N PHE A 7 -5.56 19.55 19.39
CA PHE A 7 -6.79 19.22 20.10
C PHE A 7 -6.80 17.76 20.56
N ALA A 8 -6.39 16.87 19.66
CA ALA A 8 -6.36 15.46 19.94
C ALA A 8 -5.30 14.79 19.10
N ILE A 9 -4.87 13.64 19.59
CA ILE A 9 -3.94 12.74 18.92
C ILE A 9 -4.70 11.47 18.61
N LEU A 10 -4.65 11.00 17.36
CA LEU A 10 -5.15 9.68 17.00
C LEU A 10 -3.93 8.79 16.90
N THR A 11 -3.81 7.80 17.78
CA THR A 11 -2.53 7.14 17.95
C THR A 11 -2.05 6.05 17.00
N PRO A 12 -2.88 5.40 16.14
CA PRO A 12 -4.24 5.64 15.72
C PRO A 12 -5.30 4.96 16.57
N GLN A 13 -4.93 3.99 17.39
CA GLN A 13 -5.98 3.15 17.90
CA GLN A 13 -5.84 3.06 18.09
C GLN A 13 -6.68 3.74 19.14
N THR A 14 -6.22 4.87 19.64
CA THR A 14 -6.90 5.60 20.70
C THR A 14 -6.90 7.09 20.36
N ILE A 15 -7.85 7.77 20.97
CA ILE A 15 -7.95 9.22 20.93
C ILE A 15 -7.41 9.77 22.25
N ILE A 16 -6.35 10.55 22.17
CA ILE A 16 -5.75 11.20 23.37
CA ILE A 16 -5.77 11.20 23.33
C ILE A 16 -6.04 12.68 23.26
N GLN A 17 -6.58 13.25 24.33
CA GLN A 17 -6.74 14.69 24.47
C GLN A 17 -5.92 15.19 25.66
N ASP A 18 -5.73 16.49 25.73
CA ASP A 18 -5.06 17.12 26.84
C ASP A 18 -3.60 16.68 26.98
N LYS A 19 -3.00 16.29 25.86
CA LYS A 19 -1.57 15.96 25.79
C LYS A 19 -0.99 16.47 24.50
N ALA A 20 0.32 16.62 24.55
CA ALA A 20 1.15 17.07 23.45
C ALA A 20 2.19 15.99 23.14
N VAL A 21 2.89 16.20 22.03
CA VAL A 21 3.92 15.27 21.55
C VAL A 21 5.25 16.00 21.43
N ALA A 22 6.29 15.45 22.07
CA ALA A 22 7.66 15.92 21.90
C ALA A 22 8.35 14.99 20.93
N PHE A 23 9.05 15.55 19.95
CA PHE A 23 9.69 14.75 18.93
C PHE A 23 10.92 15.46 18.35
N ASP A 24 11.81 14.64 17.84
CA ASP A 24 12.92 15.12 17.02
C ASP A 24 12.88 14.35 15.71
N LYS A 25 13.63 13.27 15.58
CA LYS A 25 13.51 12.29 14.50
C LYS A 25 12.44 11.26 14.86
N LYS A 26 12.38 10.93 16.12
CA LYS A 26 11.44 9.99 16.67
C LYS A 26 10.51 10.71 17.64
N ILE A 27 9.37 10.10 17.89
CA ILE A 27 8.48 10.49 18.98
CA ILE A 27 8.52 10.54 18.97
C ILE A 27 9.18 10.19 20.30
N GLU A 28 9.43 11.21 21.11
CA GLU A 28 10.19 11.06 22.35
C GLU A 28 9.31 10.97 23.59
N ALA A 29 8.17 11.66 23.59
CA ALA A 29 7.31 11.66 24.76
C ALA A 29 5.92 12.16 24.35
N ILE A 30 4.92 11.70 25.11
CA ILE A 30 3.53 12.13 24.94
C ILE A 30 3.05 12.46 26.36
N ASP A 31 2.77 13.74 26.62
CA ASP A 31 2.43 14.17 27.97
C ASP A 31 1.86 15.58 27.87
N THR A 32 1.39 16.12 28.98
CA THR A 32 0.96 17.52 28.98
C THR A 32 2.15 18.40 28.61
N VAL A 33 1.86 19.57 28.07
CA VAL A 33 2.92 20.54 27.81
C VAL A 33 3.68 20.85 29.11
N GLU A 34 2.93 21.01 30.20
CA GLU A 34 3.51 21.29 31.51
C GLU A 34 4.59 20.26 31.84
N ASN A 35 4.30 18.99 31.68
CA ASN A 35 5.29 17.96 31.94
C ASN A 35 6.40 17.90 30.88
N LEU A 36 6.06 18.11 29.62
CA LEU A 36 7.05 18.02 28.57
C LEU A 36 8.13 19.07 28.69
N ILE A 37 7.79 20.31 29.01
CA ILE A 37 8.81 21.34 29.06
C ILE A 37 9.78 21.12 30.23
N LYS A 38 9.38 20.40 31.28
CA LYS A 38 10.31 20.05 32.34
C LYS A 38 11.43 19.18 31.82
N LYS A 39 11.11 18.26 30.91
CA LYS A 39 12.08 17.35 30.32
CA LYS A 39 12.06 17.34 30.31
C LYS A 39 12.80 17.93 29.12
N TYR A 40 12.11 18.79 28.39
CA TYR A 40 12.59 19.34 27.12
C TYR A 40 12.49 20.86 27.15
N PRO A 41 13.28 21.53 28.03
CA PRO A 41 13.24 22.99 28.09
C PRO A 41 13.72 23.69 26.83
N ASN A 42 14.41 22.92 26.00
CA ASN A 42 14.93 23.38 24.75
C ASN A 42 13.96 23.27 23.58
N ALA A 43 12.74 22.77 23.82
CA ALA A 43 11.77 22.53 22.76
C ALA A 43 10.77 23.65 22.72
N ALA A 44 10.71 24.35 21.61
CA ALA A 44 9.62 25.30 21.36
C ALA A 44 8.30 24.52 21.26
N VAL A 45 7.25 25.16 21.70
CA VAL A 45 5.94 24.57 21.74
C VAL A 45 5.03 25.23 20.73
N GLU A 46 4.46 24.44 19.84
CA GLU A 46 3.44 24.87 18.90
C GLU A 46 2.09 24.43 19.44
N HIS A 47 1.21 25.40 19.69
CA HIS A 47 -0.16 25.12 20.08
C HIS A 47 -1.05 25.17 18.86
N ASP A 48 -1.69 24.06 18.53
CA ASP A 48 -2.57 23.92 17.36
C ASP A 48 -3.92 23.36 17.88
N GLU A 49 -4.63 24.20 18.57
CA GLU A 49 -5.72 23.80 19.37
C GLU A 49 -6.95 23.41 18.52
N ASN A 50 -6.94 23.77 17.22
CA ASN A 50 -7.94 23.44 16.22
C ASN A 50 -7.42 22.46 15.16
N SER A 51 -6.50 21.59 15.58
CA SER A 51 -5.90 20.59 14.73
C SER A 51 -5.86 19.26 15.43
N LEU A 52 -5.64 18.23 14.62
CA LEU A 52 -5.42 16.87 15.08
C LEU A 52 -4.07 16.39 14.58
N LEU A 53 -3.40 15.57 15.40
CA LEU A 53 -2.21 14.85 14.97
C LEU A 53 -2.60 13.39 14.78
N LEU A 54 -2.15 12.80 13.68
CA LEU A 54 -2.33 11.37 13.42
C LEU A 54 -1.07 10.90 12.69
N PRO A 55 -0.84 9.58 12.59
CA PRO A 55 0.31 9.13 11.84
C PRO A 55 0.19 9.45 10.38
N GLY A 56 1.33 9.60 9.70
CA GLY A 56 1.34 9.50 8.26
C GLY A 56 0.80 8.15 7.78
N PHE A 57 0.12 8.18 6.65
CA PHE A 57 -0.35 6.92 6.06
C PHE A 57 0.79 6.11 5.48
N ALA A 58 0.56 4.80 5.45
CA ALA A 58 1.29 3.93 4.55
C ALA A 58 0.39 3.60 3.36
N ASN A 59 0.97 3.54 2.16
CA ASN A 59 0.27 3.10 0.96
C ASN A 59 1.09 1.97 0.35
N PRO A 60 0.84 0.72 0.80
CA PRO A 60 1.77 -0.37 0.50
C PRO A 60 1.69 -0.95 -0.89
N HIS A 61 0.89 -0.39 -1.78
CA HIS A 61 0.77 -0.92 -3.14
C HIS A 61 0.44 0.16 -4.13
N LEU A 62 1.44 0.56 -4.89
CA LEU A 62 1.21 1.51 -5.97
C LEU A 62 2.15 1.27 -7.14
N HIS A 63 1.61 1.37 -8.35
CA HIS A 63 2.36 1.18 -9.60
C HIS A 63 2.73 2.55 -10.14
N LEU A 64 3.85 3.08 -9.72
CA LEU A 64 4.22 4.47 -10.01
CA LEU A 64 4.22 4.46 -10.03
C LEU A 64 4.46 4.68 -11.51
N GLU A 65 4.91 3.66 -12.22
CA GLU A 65 5.30 3.84 -13.61
C GLU A 65 4.10 4.22 -14.48
N PHE A 66 2.87 3.91 -14.03
CA PHE A 66 1.64 4.21 -14.75
C PHE A 66 1.00 5.54 -14.36
N SER A 67 1.79 6.45 -13.79
CA SER A 67 1.23 7.66 -13.25
C SER A 67 0.78 8.69 -14.26
N ALA A 68 1.01 8.46 -15.56
CA ALA A 68 0.44 9.33 -16.58
C ALA A 68 -0.98 8.94 -16.98
N ASN A 69 -1.48 7.78 -16.54
CA ASN A 69 -2.83 7.40 -16.93
C ASN A 69 -3.91 8.24 -16.28
N LYS A 70 -4.86 8.69 -17.08
CA LYS A 70 -6.08 9.34 -16.65
C LYS A 70 -7.27 8.56 -17.21
N ALA A 71 -7.37 8.48 -18.53
CA ALA A 71 -8.50 7.81 -19.17
C ALA A 71 -8.08 6.91 -20.34
N THR A 72 -6.81 6.53 -20.37
CA THR A 72 -6.29 5.72 -21.49
C THR A 72 -6.59 4.25 -21.34
N LEU A 73 -6.45 3.72 -20.13
CA LEU A 73 -6.72 2.29 -19.88
C LEU A 73 -8.23 2.06 -19.73
N GLN A 74 -8.64 0.83 -20.01
CA GLN A 74 -10.04 0.45 -20.04
C GLN A 74 -10.51 -0.02 -18.66
N TYR A 75 -11.50 0.68 -18.09
CA TYR A 75 -12.08 0.28 -16.82
C TYR A 75 -13.38 -0.55 -17.04
N GLY A 76 -13.78 -1.20 -15.97
CA GLY A 76 -15.04 -1.90 -15.85
C GLY A 76 -14.94 -3.42 -15.75
N ASP A 77 -13.83 -4.00 -16.24
CA ASP A 77 -13.70 -5.43 -16.37
C ASP A 77 -12.21 -5.77 -16.44
N PHE A 78 -11.77 -6.80 -15.74
CA PHE A 78 -10.36 -7.02 -15.55
C PHE A 78 -9.61 -7.42 -16.84
N ILE A 79 -10.12 -8.42 -17.57
CA ILE A 79 -9.44 -8.89 -18.77
CA ILE A 79 -9.39 -8.86 -18.73
C ILE A 79 -9.31 -7.75 -19.81
N PRO A 80 -10.40 -7.01 -20.07
CA PRO A 80 -10.24 -5.86 -20.97
C PRO A 80 -9.25 -4.82 -20.47
N TRP A 81 -9.18 -4.63 -19.15
CA TRP A 81 -8.15 -3.74 -18.59
C TRP A 81 -6.75 -4.29 -18.94
N LEU A 82 -6.52 -5.57 -18.71
CA LEU A 82 -5.23 -6.21 -19.02
CA LEU A 82 -5.23 -6.14 -19.00
C LEU A 82 -4.86 -6.02 -20.49
N TYR A 83 -5.81 -6.29 -21.39
CA TYR A 83 -5.56 -6.06 -22.81
C TYR A 83 -5.15 -4.60 -23.06
N SER A 84 -5.80 -3.67 -22.36
CA SER A 84 -5.50 -2.27 -22.56
C SER A 84 -4.12 -1.88 -22.05
N VAL A 85 -3.69 -2.48 -20.96
CA VAL A 85 -2.34 -2.30 -20.47
C VAL A 85 -1.33 -2.77 -21.52
N ILE A 86 -1.57 -3.97 -22.05
CA ILE A 86 -0.68 -4.52 -23.07
C ILE A 86 -0.63 -3.60 -24.30
N ARG A 87 -1.80 -3.09 -24.70
CA ARG A 87 -1.88 -2.22 -25.88
C ARG A 87 -1.21 -0.86 -25.70
N HIS A 88 -1.36 -0.26 -24.53
CA HIS A 88 -0.98 1.13 -24.32
C HIS A 88 0.29 1.37 -23.55
N ARG A 89 0.83 0.36 -22.87
CA ARG A 89 1.96 0.62 -22.01
C ARG A 89 3.21 1.17 -22.71
N GLU A 90 3.46 0.75 -23.95
CA GLU A 90 4.66 1.22 -24.64
C GLU A 90 4.65 2.75 -24.79
N ASP A 91 3.47 3.34 -24.95
CA ASP A 91 3.35 4.79 -25.05
C ASP A 91 3.10 5.45 -23.68
N LEU A 92 2.32 4.79 -22.84
CA LEU A 92 1.95 5.37 -21.55
C LEU A 92 3.11 5.50 -20.60
N LEU A 93 3.95 4.49 -20.55
CA LEU A 93 5.06 4.47 -19.63
C LEU A 93 6.03 5.64 -19.83
N PRO A 94 6.50 5.88 -21.07
CA PRO A 94 7.38 7.03 -21.25
C PRO A 94 6.73 8.38 -21.05
N LEU A 95 5.40 8.45 -21.15
CA LEU A 95 4.71 9.69 -20.85
C LEU A 95 4.91 10.12 -19.39
N CYS A 96 5.11 9.15 -18.50
CA CYS A 96 5.47 9.49 -17.13
C CYS A 96 7.01 9.56 -17.01
N ASP A 97 7.50 10.73 -17.36
CA ASP A 97 8.91 11.02 -17.34
C ASP A 97 9.36 11.39 -15.93
N GLY A 98 10.60 11.85 -15.81
CA GLY A 98 11.12 12.19 -14.50
C GLY A 98 10.32 13.21 -13.75
N ALA A 99 9.84 14.24 -14.46
CA ALA A 99 9.04 15.28 -13.85
C ALA A 99 7.72 14.70 -13.35
N CYS A 100 7.10 13.83 -14.13
CA CYS A 100 5.85 13.22 -13.75
C CYS A 100 6.05 12.38 -12.47
N LEU A 101 7.12 11.58 -12.45
CA LEU A 101 7.40 10.73 -11.29
C LEU A 101 7.66 11.58 -10.05
N GLU A 102 8.48 12.61 -10.22
CA GLU A 102 8.83 13.48 -9.10
C GLU A 102 7.60 14.15 -8.51
N GLN A 103 6.75 14.70 -9.39
CA GLN A 103 5.53 15.36 -8.98
C GLN A 103 4.59 14.39 -8.29
N THR A 104 4.46 13.18 -8.85
CA THR A 104 3.56 12.18 -8.30
C THR A 104 3.99 11.85 -6.87
N LEU A 105 5.28 11.60 -6.65
CA LEU A 105 5.77 11.29 -5.31
C LEU A 105 5.60 12.46 -4.34
N SER A 106 5.83 13.68 -4.81
CA SER A 106 5.63 14.83 -3.96
CA SER A 106 5.63 14.83 -3.94
C SER A 106 4.16 14.96 -3.53
N SER A 107 3.24 14.67 -4.46
CA SER A 107 1.84 14.74 -4.16
CA SER A 107 1.81 14.70 -4.20
C SER A 107 1.38 13.68 -3.16
N ILE A 108 2.01 12.51 -3.17
CA ILE A 108 1.76 11.48 -2.18
C ILE A 108 2.05 12.04 -0.78
N ILE A 109 3.21 12.68 -0.62
CA ILE A 109 3.54 13.28 0.67
C ILE A 109 2.53 14.35 1.03
N GLN A 110 2.17 15.19 0.08
CA GLN A 110 1.28 16.31 0.36
C GLN A 110 -0.13 15.87 0.77
N THR A 111 -0.52 14.65 0.41
CA THR A 111 -1.80 14.11 0.82
C THR A 111 -1.71 13.26 2.09
N GLY A 112 -0.55 13.29 2.75
CA GLY A 112 -0.42 12.69 4.06
C GLY A 112 0.17 11.31 4.13
N THR A 113 0.61 10.76 3.00
CA THR A 113 1.28 9.47 2.98
C THR A 113 2.77 9.66 3.17
N THR A 114 3.35 8.87 4.08
CA THR A 114 4.75 8.97 4.44
C THR A 114 5.58 7.72 4.13
N ALA A 115 4.91 6.62 3.76
CA ALA A 115 5.58 5.37 3.40
C ALA A 115 4.81 4.70 2.29
N ILE A 116 5.51 4.15 1.30
CA ILE A 116 4.88 3.46 0.18
C ILE A 116 5.54 2.13 -0.15
N GLY A 117 4.75 1.27 -0.77
CA GLY A 117 5.23 0.09 -1.46
C GLY A 117 5.09 0.30 -2.95
N ALA A 118 6.20 0.52 -3.63
CA ALA A 118 6.22 0.81 -5.06
C ALA A 118 6.45 -0.48 -5.82
N ILE A 119 5.54 -0.82 -6.71
CA ILE A 119 5.68 -2.00 -7.57
C ILE A 119 6.28 -1.54 -8.88
N SER A 120 7.49 -2.01 -9.19
CA SER A 120 8.22 -1.56 -10.35
C SER A 120 8.44 -2.73 -11.31
N SER A 121 7.87 -2.62 -12.50
CA SER A 121 7.99 -3.64 -13.50
C SER A 121 9.19 -3.44 -14.43
N TYR A 122 9.60 -2.20 -14.63
CA TYR A 122 10.65 -1.88 -15.60
C TYR A 122 11.85 -1.15 -15.03
N GLY A 123 11.76 -0.68 -13.78
CA GLY A 123 12.89 -0.09 -13.10
C GLY A 123 13.23 1.35 -13.44
N GLU A 124 12.47 2.00 -14.32
CA GLU A 124 12.84 3.36 -14.72
C GLU A 124 12.36 4.40 -13.69
N ASP A 125 11.65 3.94 -12.66
CA ASP A 125 11.19 4.75 -11.53
C ASP A 125 12.18 4.73 -10.36
N LEU A 126 13.32 4.06 -10.49
CA LEU A 126 14.24 3.93 -9.36
C LEU A 126 14.77 5.28 -8.90
N GLN A 127 15.29 6.09 -9.82
CA GLN A 127 15.87 7.37 -9.45
C GLN A 127 14.87 8.24 -8.71
N ALA A 128 13.64 8.30 -9.21
CA ALA A 128 12.62 9.13 -8.54
C ALA A 128 12.34 8.63 -7.13
N CYS A 129 12.28 7.30 -6.96
CA CYS A 129 12.00 6.75 -5.64
C CYS A 129 13.13 7.00 -4.64
N ILE A 130 14.39 6.84 -5.06
CA ILE A 130 15.51 7.10 -4.15
C ILE A 130 15.60 8.59 -3.84
N ASP A 131 15.19 9.45 -4.76
CA ASP A 131 15.21 10.89 -4.55
C ASP A 131 14.14 11.38 -3.56
N SER A 132 13.05 10.64 -3.44
CA SER A 132 11.95 11.06 -2.59
C SER A 132 12.31 10.99 -1.12
N ALA A 133 11.70 11.87 -0.33
CA ALA A 133 11.78 11.81 1.13
C ALA A 133 10.95 10.66 1.74
N LEU A 134 10.04 10.10 0.96
CA LEU A 134 9.24 8.96 1.43
C LEU A 134 10.10 7.81 1.91
N LYS A 135 9.56 7.07 2.87
CA LYS A 135 9.95 5.69 3.09
C LYS A 135 9.42 4.87 1.92
N VAL A 136 10.25 4.04 1.31
CA VAL A 136 9.88 3.27 0.14
C VAL A 136 10.36 1.83 0.28
N VAL A 137 9.44 0.89 0.12
CA VAL A 137 9.79 -0.49 -0.21
C VAL A 137 9.63 -0.61 -1.71
N TYR A 138 10.74 -0.86 -2.39
CA TYR A 138 10.81 -0.84 -3.87
C TYR A 138 10.78 -2.27 -4.36
N PHE A 139 9.58 -2.73 -4.72
CA PHE A 139 9.35 -4.11 -5.14
C PHE A 139 9.67 -4.26 -6.62
N ASN A 140 10.71 -5.02 -6.90
CA ASN A 140 11.11 -5.34 -8.27
C ASN A 140 10.27 -6.52 -8.75
N GLU A 141 9.35 -6.23 -9.68
CA GLU A 141 8.38 -7.23 -10.10
C GLU A 141 8.91 -8.07 -11.26
N VAL A 142 8.63 -9.38 -11.20
CA VAL A 142 8.93 -10.30 -12.29
C VAL A 142 7.62 -10.79 -12.87
N ILE A 143 7.63 -11.06 -14.17
CA ILE A 143 6.51 -11.65 -14.88
C ILE A 143 7.07 -12.60 -15.93
N GLY A 144 6.32 -13.65 -16.24
CA GLY A 144 6.67 -14.52 -17.35
C GLY A 144 6.05 -15.90 -17.22
N ALA A 145 5.13 -16.20 -18.12
CA ALA A 145 4.37 -17.45 -18.04
C ALA A 145 4.92 -18.55 -18.92
N ASN A 146 5.94 -18.22 -19.69
CA ASN A 146 6.58 -19.17 -20.59
C ASN A 146 7.91 -19.66 -19.99
N ALA A 147 7.96 -20.94 -19.60
CA ALA A 147 9.14 -21.48 -18.96
C ALA A 147 10.39 -21.33 -19.85
N ALA A 148 10.19 -21.33 -21.18
CA ALA A 148 11.30 -21.28 -22.14
C ALA A 148 12.03 -19.95 -22.15
N THR A 149 11.38 -18.88 -21.71
CA THR A 149 12.02 -17.55 -21.67
C THR A 149 12.23 -17.05 -20.25
N ALA A 150 12.18 -17.96 -19.27
CA ALA A 150 12.41 -17.59 -17.88
C ALA A 150 13.78 -16.95 -17.69
N ASP A 151 14.79 -17.41 -18.43
CA ASP A 151 16.14 -16.88 -18.24
C ASP A 151 16.19 -15.38 -18.50
N VAL A 152 15.57 -14.93 -19.57
CA VAL A 152 15.58 -13.51 -19.91
C VAL A 152 14.81 -12.69 -18.87
N MET A 153 13.65 -13.18 -18.47
CA MET A 153 12.83 -12.47 -17.48
CA MET A 153 12.83 -12.47 -17.49
C MET A 153 13.57 -12.43 -16.14
N TYR A 154 14.17 -13.57 -15.76
CA TYR A 154 14.92 -13.62 -14.51
C TYR A 154 16.11 -12.67 -14.54
N ALA A 155 16.85 -12.63 -15.64
CA ALA A 155 18.02 -11.77 -15.71
C ALA A 155 17.65 -10.31 -15.57
N SER A 156 16.54 -9.89 -16.15
CA SER A 156 16.09 -8.51 -16.04
C SER A 156 15.70 -8.19 -14.61
N PHE A 157 14.92 -9.09 -14.00
CA PHE A 157 14.54 -8.94 -12.61
C PHE A 157 15.78 -8.81 -11.72
N LEU A 158 16.77 -9.68 -11.91
CA LEU A 158 17.94 -9.72 -11.06
C LEU A 158 18.73 -8.41 -11.18
N GLU A 159 18.89 -7.93 -12.41
CA GLU A 159 19.59 -6.70 -12.66
C GLU A 159 18.86 -5.53 -11.97
N ARG A 160 17.54 -5.46 -12.11
CA ARG A 160 16.76 -4.40 -11.46
C ARG A 160 16.87 -4.49 -9.95
N PHE A 161 16.80 -5.72 -9.40
CA PHE A 161 16.92 -5.91 -7.99
C PHE A 161 18.26 -5.36 -7.48
N HIS A 162 19.36 -5.78 -8.09
CA HIS A 162 20.67 -5.29 -7.65
C HIS A 162 20.87 -3.80 -7.88
N GLN A 163 20.29 -3.25 -8.94
CA GLN A 163 20.35 -1.81 -9.14
C GLN A 163 19.69 -1.07 -7.99
N SER A 164 18.58 -1.59 -7.49
CA SER A 164 17.90 -0.95 -6.36
C SER A 164 18.64 -1.19 -5.04
N LYS A 165 19.27 -2.35 -4.88
CA LYS A 165 19.82 -2.79 -3.61
C LYS A 165 20.97 -1.89 -3.17
N LYS A 166 21.73 -1.33 -4.11
CA LYS A 166 22.84 -0.45 -3.73
C LYS A 166 22.36 0.83 -3.04
N HIS A 167 21.08 1.15 -3.16
CA HIS A 167 20.51 2.35 -2.57
C HIS A 167 19.84 2.11 -1.24
N GLU A 168 19.94 0.91 -0.70
CA GLU A 168 19.25 0.65 0.53
C GLU A 168 19.80 1.52 1.65
N ASN A 169 18.91 1.94 2.53
CA ASN A 169 19.26 2.61 3.78
C ASN A 169 18.04 2.49 4.69
N GLU A 170 18.00 3.24 5.78
CA GLU A 170 16.89 3.08 6.72
C GLU A 170 15.52 3.34 6.11
N ARG A 171 15.46 4.15 5.06
CA ARG A 171 14.15 4.53 4.47
CA ARG A 171 14.24 4.60 4.44
C ARG A 171 13.87 3.88 3.13
N PHE A 172 14.83 3.19 2.52
CA PHE A 172 14.68 2.61 1.22
C PHE A 172 15.08 1.15 1.25
N LYS A 173 14.14 0.27 0.91
CA LYS A 173 14.36 -1.18 0.93
C LYS A 173 14.13 -1.76 -0.44
N ALA A 174 15.05 -2.62 -0.88
CA ALA A 174 14.92 -3.36 -2.11
C ALA A 174 14.10 -4.62 -1.86
N ALA A 175 13.13 -4.89 -2.71
CA ALA A 175 12.19 -5.99 -2.47
C ALA A 175 11.84 -6.71 -3.77
N VAL A 176 11.00 -7.72 -3.67
CA VAL A 176 10.69 -8.64 -4.76
C VAL A 176 9.18 -8.72 -4.92
N ALA A 177 8.71 -8.63 -6.17
CA ALA A 177 7.29 -8.86 -6.43
C ALA A 177 7.11 -9.93 -7.50
N ILE A 178 6.11 -10.78 -7.29
CA ILE A 178 5.72 -11.79 -8.24
C ILE A 178 4.41 -11.29 -8.83
N HIS A 179 4.31 -11.12 -10.14
CA HIS A 179 3.12 -10.48 -10.66
C HIS A 179 1.82 -11.19 -10.23
N SER A 180 1.69 -12.49 -10.46
CA SER A 180 0.45 -13.19 -10.12
C SER A 180 0.63 -14.69 -10.33
N PRO A 181 -0.35 -15.49 -9.91
CA PRO A 181 -0.29 -16.93 -10.16
C PRO A 181 -0.64 -17.35 -11.59
N TYR A 182 -1.21 -16.45 -12.38
CA TYR A 182 -1.50 -16.78 -13.77
C TYR A 182 -0.41 -16.35 -14.73
N SER A 183 0.44 -15.39 -14.33
CA SER A 183 1.37 -14.73 -15.23
C SER A 183 2.85 -15.05 -14.95
N VAL A 184 3.14 -15.74 -13.86
CA VAL A 184 4.51 -16.09 -13.52
C VAL A 184 4.57 -17.59 -13.33
N HIS A 185 5.22 -18.28 -14.26
CA HIS A 185 5.37 -19.71 -14.09
C HIS A 185 6.13 -20.04 -12.82
N TYR A 186 5.72 -21.13 -12.19
CA TYR A 186 6.27 -21.66 -10.96
C TYR A 186 7.79 -21.56 -10.84
N ILE A 187 8.53 -22.03 -11.84
CA ILE A 187 9.97 -22.08 -11.71
C ILE A 187 10.58 -20.68 -11.65
N LEU A 188 10.12 -19.79 -12.53
CA LEU A 188 10.56 -18.40 -12.50
C LEU A 188 10.20 -17.74 -11.16
N ALA A 189 8.98 -17.98 -10.67
CA ALA A 189 8.59 -17.43 -9.38
C ALA A 189 9.54 -17.89 -8.29
N LYS A 190 9.82 -19.19 -8.26
CA LYS A 190 10.69 -19.73 -7.25
C LYS A 190 12.10 -19.15 -7.34
N ARG A 191 12.61 -18.95 -8.55
CA ARG A 191 13.94 -18.34 -8.69
C ARG A 191 13.96 -16.92 -8.10
N ALA A 192 12.93 -16.12 -8.39
CA ALA A 192 12.87 -14.76 -7.85
C ALA A 192 12.71 -14.79 -6.35
N LEU A 193 11.88 -15.69 -5.83
CA LEU A 193 11.68 -15.78 -4.41
C LEU A 193 12.92 -16.27 -3.67
N ASP A 194 13.78 -17.03 -4.34
CA ASP A 194 15.04 -17.44 -3.73
C ASP A 194 15.95 -16.23 -3.51
N ILE A 195 15.87 -15.21 -4.34
CA ILE A 195 16.58 -13.97 -4.10
C ILE A 195 16.02 -13.29 -2.83
N ALA A 196 14.69 -13.23 -2.74
CA ALA A 196 14.09 -12.68 -1.54
C ALA A 196 14.54 -13.43 -0.29
N LYS A 197 14.59 -14.78 -0.36
CA LYS A 197 15.05 -15.55 0.78
C LYS A 197 16.49 -15.20 1.15
N LYS A 198 17.35 -15.11 0.14
CA LYS A 198 18.76 -14.85 0.38
C LYS A 198 18.98 -13.53 1.13
N TYR A 199 18.21 -12.51 0.76
CA TYR A 199 18.42 -11.17 1.28
C TYR A 199 17.44 -10.79 2.38
N GLY A 200 16.48 -11.66 2.71
CA GLY A 200 15.44 -11.32 3.69
C GLY A 200 14.50 -10.22 3.17
N SER A 201 14.28 -10.20 1.87
CA SER A 201 13.47 -9.16 1.24
C SER A 201 12.00 -9.37 1.46
N LEU A 202 11.25 -8.27 1.56
CA LEU A 202 9.81 -8.33 1.52
CA LEU A 202 9.80 -8.34 1.51
C LEU A 202 9.35 -8.77 0.13
N VAL A 203 8.18 -9.40 0.09
CA VAL A 203 7.60 -9.92 -1.15
C VAL A 203 6.17 -9.41 -1.29
N SER A 204 5.78 -9.12 -2.54
CA SER A 204 4.42 -8.80 -2.88
C SER A 204 3.94 -9.66 -4.02
N VAL A 205 2.67 -10.03 -4.02
CA VAL A 205 2.06 -10.78 -5.11
C VAL A 205 0.61 -10.36 -5.25
N HIS A 206 0.15 -10.17 -6.49
CA HIS A 206 -1.30 -10.00 -6.73
C HIS A 206 -1.93 -11.38 -6.66
N PHE A 207 -2.94 -11.56 -5.79
CA PHE A 207 -3.51 -12.88 -5.59
C PHE A 207 -5.03 -12.81 -5.60
N MET A 208 -5.65 -13.51 -6.57
CA MET A 208 -7.09 -13.61 -6.67
C MET A 208 -7.76 -12.25 -6.75
N GLU A 209 -7.24 -11.44 -7.66
CA GLU A 209 -7.79 -10.12 -7.97
C GLU A 209 -9.15 -10.20 -8.67
N SER A 210 -9.34 -11.18 -9.56
CA SER A 210 -10.51 -11.28 -10.39
C SER A 210 -11.13 -12.65 -10.37
N ARG A 211 -12.42 -12.72 -10.71
CA ARG A 211 -13.06 -14.03 -10.84
CA ARG A 211 -13.08 -14.01 -10.85
C ARG A 211 -12.48 -14.81 -12.02
N ALA A 212 -12.05 -14.11 -13.07
CA ALA A 212 -11.43 -14.82 -14.18
C ALA A 212 -10.22 -15.61 -13.69
N GLU A 213 -9.40 -15.00 -12.85
CA GLU A 213 -8.26 -15.70 -12.27
C GLU A 213 -8.71 -16.93 -11.48
N ARG A 214 -9.72 -16.75 -10.64
CA ARG A 214 -10.28 -17.83 -9.83
C ARG A 214 -10.64 -19.02 -10.70
N GLU A 215 -11.41 -18.79 -11.76
CA GLU A 215 -11.87 -19.88 -12.61
CA GLU A 215 -11.87 -19.87 -12.63
C GLU A 215 -10.75 -20.51 -13.42
N TRP A 216 -9.82 -19.68 -13.89
CA TRP A 216 -8.68 -20.20 -14.65
C TRP A 216 -7.81 -21.11 -13.82
N LEU A 217 -7.50 -20.69 -12.60
N LEU A 217 -7.42 -20.64 -12.63
CA LEU A 217 -6.61 -21.48 -11.76
CA LEU A 217 -6.60 -21.45 -11.76
C LEU A 217 -7.33 -22.67 -11.12
C LEU A 217 -7.35 -22.70 -11.29
N ASP A 218 -8.64 -22.59 -10.99
CA ASP A 218 -9.40 -23.72 -10.43
C ASP A 218 -9.73 -24.78 -11.45
N LYS A 219 -10.08 -24.36 -12.66
CA LYS A 219 -10.70 -25.25 -13.65
C LYS A 219 -10.04 -25.18 -14.99
N GLY A 220 -9.14 -24.23 -15.23
CA GLY A 220 -8.59 -24.09 -16.55
C GLY A 220 -9.61 -23.65 -17.57
N SER A 221 -10.61 -22.90 -17.13
CA SER A 221 -11.69 -22.44 -18.00
C SER A 221 -12.03 -20.99 -17.68
N GLY A 222 -13.02 -20.49 -18.39
CA GLY A 222 -13.55 -19.17 -18.15
C GLY A 222 -12.95 -18.13 -19.06
N GLU A 223 -13.17 -16.86 -18.70
CA GLU A 223 -12.79 -15.78 -19.58
C GLU A 223 -11.29 -15.67 -19.80
N PHE A 224 -10.48 -16.15 -18.86
CA PHE A 224 -9.05 -16.12 -19.11
C PHE A 224 -8.62 -17.13 -20.23
N ALA A 225 -9.43 -18.15 -20.53
CA ALA A 225 -9.01 -19.17 -21.49
C ALA A 225 -8.77 -18.51 -22.84
N LYS A 226 -9.67 -17.65 -23.31
CA LYS A 226 -9.48 -17.01 -24.61
C LYS A 226 -8.21 -16.16 -24.60
N PHE A 227 -7.98 -15.47 -23.48
CA PHE A 227 -6.82 -14.62 -23.35
C PHE A 227 -5.53 -15.46 -23.45
N PHE A 228 -5.43 -16.55 -22.70
CA PHE A 228 -4.24 -17.36 -22.77
C PHE A 228 -4.05 -18.01 -24.12
N LYS A 229 -5.14 -18.43 -24.75
CA LYS A 229 -5.09 -19.03 -26.10
C LYS A 229 -4.53 -18.03 -27.09
N GLU A 230 -5.09 -16.83 -27.11
CA GLU A 230 -4.71 -15.81 -28.11
C GLU A 230 -3.34 -15.18 -27.83
N PHE A 231 -3.17 -14.73 -26.59
CA PHE A 231 -2.01 -13.95 -26.24
C PHE A 231 -0.78 -14.81 -26.00
N LEU A 232 -0.95 -15.99 -25.40
CA LEU A 232 0.20 -16.80 -25.01
C LEU A 232 0.28 -18.17 -25.70
N ASN A 233 -0.71 -18.49 -26.52
CA ASN A 233 -0.79 -19.80 -27.14
CA ASN A 233 -0.78 -19.80 -27.15
C ASN A 233 -0.70 -20.93 -26.12
N GLN A 234 -1.41 -20.73 -24.99
CA GLN A 234 -1.50 -21.73 -23.92
C GLN A 234 -2.93 -22.16 -23.74
N THR A 235 -3.12 -23.46 -23.48
CA THR A 235 -4.43 -24.05 -23.35
C THR A 235 -4.85 -24.32 -21.91
N ARG A 236 -3.93 -24.11 -20.96
CA ARG A 236 -4.09 -24.54 -19.58
C ARG A 236 -3.23 -23.68 -18.69
N PRO A 237 -3.63 -23.55 -17.43
CA PRO A 237 -2.82 -22.77 -16.47
C PRO A 237 -1.50 -23.49 -16.22
N VAL A 238 -0.40 -22.75 -16.27
CA VAL A 238 0.92 -23.35 -16.04
C VAL A 238 1.18 -23.72 -14.59
N ASN A 239 0.42 -23.16 -13.67
CA ASN A 239 0.61 -23.41 -12.25
C ASN A 239 -0.55 -24.14 -11.61
N ASP A 240 -0.20 -24.99 -10.64
CA ASP A 240 -1.11 -25.53 -9.65
C ASP A 240 -1.16 -24.50 -8.53
N THR A 241 -2.36 -24.03 -8.20
CA THR A 241 -2.53 -22.95 -7.24
C THR A 241 -1.87 -23.23 -5.88
N LYS A 242 -2.15 -24.40 -5.32
CA LYS A 242 -1.65 -24.70 -4.00
CA LYS A 242 -1.65 -24.81 -4.02
C LYS A 242 -0.12 -24.73 -4.01
N SER A 243 0.48 -25.33 -5.04
CA SER A 243 1.95 -25.39 -5.15
C SER A 243 2.54 -23.97 -5.25
N PHE A 244 1.89 -23.12 -6.01
CA PHE A 244 2.32 -21.73 -6.15
C PHE A 244 2.26 -20.99 -4.82
N LEU A 245 1.16 -21.15 -4.11
CA LEU A 245 1.00 -20.47 -2.83
C LEU A 245 2.06 -20.92 -1.82
N GLU A 246 2.40 -22.20 -1.84
CA GLU A 246 3.41 -22.75 -0.94
C GLU A 246 4.78 -22.12 -1.12
N LEU A 247 5.07 -21.54 -2.28
CA LEU A 247 6.33 -20.85 -2.49
C LEU A 247 6.55 -19.71 -1.51
N PHE A 248 5.47 -19.17 -0.94
CA PHE A 248 5.55 -18.00 -0.07
C PHE A 248 5.63 -18.35 1.42
N LYS A 249 5.66 -19.64 1.74
CA LYS A 249 5.51 -20.07 3.13
C LYS A 249 6.54 -19.50 4.11
N GLU A 250 7.77 -19.28 3.66
CA GLU A 250 8.86 -18.86 4.53
CA GLU A 250 8.83 -18.84 4.56
C GLU A 250 9.23 -17.38 4.37
N LEU A 251 8.39 -16.60 3.72
CA LEU A 251 8.68 -15.21 3.41
C LEU A 251 7.68 -14.29 4.09
N HIS A 252 8.03 -13.01 4.20
CA HIS A 252 7.07 -11.99 4.59
CA HIS A 252 7.10 -11.93 4.59
C HIS A 252 6.43 -11.46 3.32
N THR A 253 5.13 -11.74 3.14
CA THR A 253 4.45 -11.49 1.91
C THR A 253 3.22 -10.59 2.09
N LEU A 254 3.08 -9.69 1.11
CA LEU A 254 1.89 -8.89 0.91
CA LEU A 254 1.90 -8.87 0.91
C LEU A 254 1.07 -9.55 -0.20
N PHE A 255 -0.11 -10.02 0.17
CA PHE A 255 -1.06 -10.63 -0.77
C PHE A 255 -2.06 -9.56 -1.18
N VAL A 256 -1.97 -9.11 -2.41
CA VAL A 256 -2.69 -7.93 -2.84
C VAL A 256 -4.01 -8.35 -3.49
N HIS A 257 -5.06 -7.60 -3.16
CA HIS A 257 -6.40 -7.68 -3.71
C HIS A 257 -7.22 -8.75 -2.96
N MET A 258 -7.01 -10.02 -3.27
CA MET A 258 -7.54 -11.15 -2.49
C MET A 258 -9.06 -11.30 -2.52
N VAL A 259 -9.75 -10.56 -3.38
CA VAL A 259 -11.21 -10.54 -3.42
C VAL A 259 -11.78 -11.94 -3.61
N TRP A 260 -11.13 -12.74 -4.48
CA TRP A 260 -11.68 -14.01 -4.85
C TRP A 260 -10.98 -15.19 -4.17
N ALA A 261 -10.13 -14.92 -3.18
CA ALA A 261 -9.48 -15.98 -2.45
C ALA A 261 -10.52 -16.86 -1.77
N ASN A 262 -10.23 -18.16 -1.68
CA ASN A 262 -11.14 -19.12 -1.07
C ASN A 262 -10.71 -19.45 0.35
N GLU A 263 -11.54 -20.25 1.02
CA GLU A 263 -11.36 -20.53 2.42
C GLU A 263 -10.06 -21.26 2.69
N GLU A 264 -9.70 -22.20 1.81
CA GLU A 264 -8.47 -22.94 1.98
C GLU A 264 -7.24 -22.05 1.88
N GLU A 265 -7.24 -21.17 0.88
CA GLU A 265 -6.15 -20.22 0.69
C GLU A 265 -6.03 -19.29 1.88
N ILE A 266 -7.18 -18.82 2.40
CA ILE A 266 -7.19 -17.93 3.54
C ILE A 266 -6.59 -18.63 4.77
N GLN A 267 -6.97 -19.89 5.01
CA GLN A 267 -6.40 -20.63 6.13
C GLN A 267 -4.88 -20.77 5.96
N THR A 268 -4.44 -21.08 4.76
CA THR A 268 -2.99 -21.19 4.51
C THR A 268 -2.27 -19.88 4.78
N ILE A 269 -2.78 -18.80 4.21
CA ILE A 269 -2.14 -17.48 4.33
C ILE A 269 -2.16 -17.00 5.78
N ALA A 270 -3.20 -17.32 6.52
CA ALA A 270 -3.24 -16.96 7.95
C ALA A 270 -2.10 -17.62 8.73
N SER A 271 -1.57 -18.74 8.25
CA SER A 271 -0.45 -19.42 8.89
C SER A 271 0.91 -18.85 8.50
N TYR A 272 0.94 -18.00 7.48
CA TYR A 272 2.16 -17.37 6.97
C TYR A 272 2.39 -16.03 7.63
N ASN A 273 3.60 -15.50 7.49
CA ASN A 273 3.88 -14.10 7.84
C ASN A 273 3.39 -13.27 6.68
N ALA A 274 2.14 -12.83 6.75
CA ALA A 274 1.47 -12.28 5.59
C ALA A 274 0.48 -11.20 5.98
N HIS A 275 0.27 -10.26 5.07
CA HIS A 275 -0.73 -9.23 5.19
C HIS A 275 -1.50 -9.21 3.88
N ILE A 276 -2.79 -8.89 3.95
CA ILE A 276 -3.57 -8.61 2.75
C ILE A 276 -3.55 -7.12 2.49
N ILE A 277 -3.38 -6.75 1.22
CA ILE A 277 -3.47 -5.35 0.83
C ILE A 277 -4.78 -5.13 0.09
N HIS A 278 -5.65 -4.34 0.68
CA HIS A 278 -6.98 -4.05 0.19
C HIS A 278 -6.98 -2.75 -0.60
N CYS A 279 -7.41 -2.86 -1.86
CA CYS A 279 -7.40 -1.76 -2.83
C CYS A 279 -8.84 -1.56 -3.33
N PRO A 280 -9.70 -0.91 -2.52
CA PRO A 280 -11.14 -0.93 -2.84
C PRO A 280 -11.48 -0.22 -4.13
N ILE A 281 -10.90 0.94 -4.41
CA ILE A 281 -11.24 1.65 -5.64
C ILE A 281 -10.87 0.83 -6.90
N SER A 282 -9.64 0.36 -6.94
CA SER A 282 -9.16 -0.42 -8.08
C SER A 282 -10.05 -1.64 -8.30
N ASN A 283 -10.37 -2.35 -7.22
CA ASN A 283 -11.18 -3.56 -7.39
C ASN A 283 -12.57 -3.21 -7.92
N ARG A 284 -13.17 -2.14 -7.40
CA ARG A 284 -14.50 -1.81 -7.86
C ARG A 284 -14.48 -1.35 -9.31
N LEU A 285 -13.52 -0.51 -9.68
CA LEU A 285 -13.47 0.06 -11.03
C LEU A 285 -13.14 -0.94 -12.10
N LEU A 286 -12.46 -2.04 -11.75
CA LEU A 286 -12.10 -3.08 -12.71
C LEU A 286 -13.09 -4.23 -12.70
N GLY A 287 -14.27 -4.08 -12.11
CA GLY A 287 -15.25 -5.14 -12.15
C GLY A 287 -14.83 -6.37 -11.41
N ASN A 288 -14.09 -6.17 -10.33
CA ASN A 288 -13.59 -7.26 -9.52
C ASN A 288 -14.36 -7.41 -8.20
N GLY A 289 -15.34 -6.55 -7.93
CA GLY A 289 -16.11 -6.68 -6.71
C GLY A 289 -15.45 -6.03 -5.51
N VAL A 290 -15.73 -6.60 -4.34
CA VAL A 290 -15.35 -6.02 -3.05
C VAL A 290 -14.86 -7.11 -2.14
N LEU A 291 -13.67 -6.93 -1.57
CA LEU A 291 -13.13 -7.84 -0.58
C LEU A 291 -14.07 -7.95 0.62
N ASP A 292 -14.39 -9.18 1.02
CA ASP A 292 -15.26 -9.39 2.18
C ASP A 292 -14.40 -9.46 3.44
N LEU A 293 -14.57 -8.48 4.33
CA LEU A 293 -13.71 -8.35 5.49
C LEU A 293 -14.02 -9.38 6.57
N GLU A 294 -15.19 -9.99 6.57
CA GLU A 294 -15.42 -11.15 7.45
C GLU A 294 -14.67 -12.36 6.95
N LYS A 295 -14.68 -12.58 5.64
CA LYS A 295 -14.07 -13.77 5.09
C LYS A 295 -12.58 -13.82 5.38
N ILE A 296 -11.91 -12.66 5.36
CA ILE A 296 -10.49 -12.58 5.58
C ILE A 296 -10.09 -12.13 6.98
N LYS A 297 -11.01 -12.18 7.94
CA LYS A 297 -10.75 -11.63 9.25
C LYS A 297 -9.56 -12.23 9.96
N SER A 298 -9.19 -13.47 9.63
CA SER A 298 -8.03 -14.14 10.22
C SER A 298 -6.67 -13.61 9.75
N ILE A 299 -6.63 -12.74 8.75
CA ILE A 299 -5.37 -12.22 8.21
C ILE A 299 -5.40 -10.70 8.33
N PRO A 300 -4.35 -10.09 8.87
CA PRO A 300 -4.36 -8.61 8.95
C PRO A 300 -4.34 -8.00 7.56
N TYR A 301 -5.10 -6.91 7.40
CA TYR A 301 -5.10 -6.18 6.15
C TYR A 301 -4.66 -4.73 6.35
N ALA A 302 -4.20 -4.14 5.25
CA ALA A 302 -3.86 -2.73 5.16
C ALA A 302 -4.50 -2.18 3.90
N ILE A 303 -4.71 -0.88 3.83
CA ILE A 303 -5.32 -0.16 2.70
CA ILE A 303 -5.28 -0.24 2.67
C ILE A 303 -4.23 0.36 1.77
N ALA A 304 -4.46 0.28 0.46
CA ALA A 304 -3.62 0.90 -0.55
C ALA A 304 -4.48 1.43 -1.67
N THR A 305 -3.85 2.22 -2.55
CA THR A 305 -4.56 2.83 -3.65
C THR A 305 -4.41 2.10 -4.98
N ASP A 306 -3.39 1.27 -5.13
CA ASP A 306 -2.97 0.79 -6.46
CA ASP A 306 -2.99 0.81 -6.45
C ASP A 306 -2.43 2.02 -7.22
N GLY A 307 -2.01 1.84 -8.44
CA GLY A 307 -1.56 2.93 -9.26
C GLY A 307 -2.69 3.68 -9.95
N LEU A 308 -2.30 4.77 -10.62
CA LEU A 308 -3.23 5.55 -11.42
C LEU A 308 -3.63 4.80 -12.71
N SER A 309 -3.05 3.63 -12.95
CA SER A 309 -3.55 2.68 -13.92
C SER A 309 -4.92 2.10 -13.58
N SER A 310 -5.31 2.18 -12.29
N SER A 310 -5.37 2.18 -12.33
CA SER A 310 -6.51 1.55 -11.74
CA SER A 310 -6.73 1.75 -12.00
C SER A 310 -7.23 2.49 -10.75
C SER A 310 -7.27 2.52 -10.82
N ASN A 311 -6.97 3.80 -10.81
CA ASN A 311 -7.49 4.72 -9.81
C ASN A 311 -7.44 6.12 -10.39
N TYR A 312 -8.28 7.02 -9.87
CA TYR A 312 -8.26 8.41 -10.25
C TYR A 312 -7.39 9.27 -9.34
N SER A 313 -6.93 8.75 -8.23
CA SER A 313 -5.99 9.52 -7.38
C SER A 313 -5.17 8.54 -6.56
N LEU A 314 -4.10 9.07 -5.98
CA LEU A 314 -3.25 8.39 -5.03
C LEU A 314 -3.44 8.98 -3.62
N ASN A 315 -4.57 9.63 -3.40
CA ASN A 315 -4.86 10.28 -2.13
C ASN A 315 -5.51 9.25 -1.20
N MET A 316 -4.86 8.91 -0.09
CA MET A 316 -5.45 7.93 0.81
CA MET A 316 -5.45 7.97 0.84
C MET A 316 -6.78 8.40 1.42
N TYR A 317 -6.99 9.71 1.58
CA TYR A 317 -8.30 10.16 2.06
C TYR A 317 -9.42 9.75 1.10
N GLU A 318 -9.17 9.85 -0.20
CA GLU A 318 -10.13 9.41 -1.23
CA GLU A 318 -10.14 9.40 -1.17
C GLU A 318 -10.36 7.89 -1.15
N GLU A 319 -9.28 7.15 -0.93
CA GLU A 319 -9.38 5.70 -0.78
C GLU A 319 -10.24 5.32 0.41
N LEU A 320 -10.05 6.04 1.51
CA LEU A 320 -10.78 5.76 2.72
C LEU A 320 -12.27 6.10 2.59
N LYS A 321 -12.60 7.20 1.90
CA LYS A 321 -14.00 7.47 1.58
C LYS A 321 -14.60 6.33 0.77
N ALA A 322 -13.91 5.92 -0.28
CA ALA A 322 -14.41 4.81 -1.11
C ALA A 322 -14.58 3.56 -0.28
N ALA A 323 -13.63 3.28 0.63
CA ALA A 323 -13.73 2.10 1.48
C ALA A 323 -14.99 2.16 2.31
N LEU A 324 -15.33 3.33 2.88
CA LEU A 324 -16.58 3.45 3.61
C LEU A 324 -17.75 3.02 2.73
N PHE A 325 -17.75 3.45 1.47
CA PHE A 325 -18.89 3.25 0.61
C PHE A 325 -18.98 1.83 0.03
N VAL A 326 -17.86 1.16 -0.27
CA VAL A 326 -17.94 -0.19 -0.82
C VAL A 326 -18.20 -1.25 0.25
N HIS A 327 -18.06 -0.88 1.52
CA HIS A 327 -18.47 -1.71 2.67
C HIS A 327 -19.61 -0.99 3.40
N PRO A 328 -20.74 -0.77 2.70
CA PRO A 328 -21.71 0.20 3.19
C PRO A 328 -22.48 -0.23 4.43
N ASN A 329 -22.46 -1.53 4.73
CA ASN A 329 -23.22 -2.03 5.87
C ASN A 329 -22.39 -2.15 7.14
N LYS A 330 -21.16 -1.64 7.12
CA LYS A 330 -20.34 -1.55 8.32
C LYS A 330 -20.63 -0.22 9.00
N GLU A 331 -21.09 -0.27 10.24
CA GLU A 331 -21.48 0.91 10.96
C GLU A 331 -20.36 1.94 10.87
N ALA A 332 -20.73 3.19 10.54
CA ALA A 332 -19.77 4.13 9.99
C ALA A 332 -18.74 4.63 10.99
N THR A 333 -19.16 4.91 12.23
CA THR A 333 -18.23 5.49 13.21
C THR A 333 -17.16 4.49 13.60
N THR A 334 -17.54 3.24 13.83
CA THR A 334 -16.58 2.21 14.16
C THR A 334 -15.75 1.82 12.95
N PHE A 335 -16.36 1.73 11.77
CA PHE A 335 -15.59 1.33 10.59
C PHE A 335 -14.55 2.40 10.25
N ALA A 336 -14.89 3.68 10.40
CA ALA A 336 -13.92 4.73 10.14
C ALA A 336 -12.68 4.58 11.01
N LYS A 337 -12.88 4.23 12.29
CA LYS A 337 -11.74 4.00 13.17
C LYS A 337 -10.89 2.84 12.65
N GLU A 338 -11.52 1.73 12.33
CA GLU A 338 -10.83 0.59 11.74
C GLU A 338 -10.01 1.05 10.52
N LEU A 339 -10.62 1.80 9.62
CA LEU A 339 -9.95 2.24 8.42
C LEU A 339 -8.71 3.08 8.69
N ILE A 340 -8.81 4.03 9.62
CA ILE A 340 -7.67 4.86 9.94
C ILE A 340 -6.52 4.01 10.50
N ILE A 341 -6.83 3.05 11.35
CA ILE A 341 -5.80 2.14 11.87
C ILE A 341 -5.19 1.33 10.71
N ARG A 342 -6.05 0.83 9.84
CA ARG A 342 -5.55 0.00 8.71
CA ARG A 342 -5.57 0.00 8.72
C ARG A 342 -4.80 0.77 7.58
N ALA A 343 -4.92 2.08 7.62
CA ALA A 343 -4.20 2.95 6.66
C ALA A 343 -2.87 3.50 7.21
N THR A 344 -2.67 3.28 8.51
CA THR A 344 -1.48 3.86 9.18
C THR A 344 -0.65 2.70 9.76
N LYS A 345 -1.03 2.25 10.93
CA LYS A 345 -0.27 1.21 11.67
C LYS A 345 -0.17 -0.10 10.86
N ALA A 346 -1.28 -0.53 10.26
CA ALA A 346 -1.26 -1.83 9.59
C ALA A 346 -0.39 -1.78 8.34
N GLY A 347 -0.42 -0.68 7.62
CA GLY A 347 0.41 -0.57 6.43
C GLY A 347 1.89 -0.43 6.74
N TYR A 348 2.23 0.28 7.82
CA TYR A 348 3.61 0.33 8.29
C TYR A 348 4.08 -1.08 8.69
N ASP A 349 3.22 -1.85 9.34
CA ASP A 349 3.56 -3.22 9.71
C ASP A 349 3.80 -4.05 8.43
N ALA A 350 2.93 -3.90 7.45
CA ALA A 350 3.10 -4.62 6.19
C ALA A 350 4.44 -4.28 5.53
N LEU A 351 4.85 -3.03 5.56
CA LEU A 351 6.08 -2.58 4.95
C LEU A 351 7.32 -2.75 5.83
N GLY A 352 7.15 -3.08 7.10
CA GLY A 352 8.28 -3.28 7.99
C GLY A 352 8.99 -2.03 8.46
N PHE A 353 8.32 -0.89 8.52
CA PHE A 353 8.91 0.34 9.02
C PHE A 353 8.38 0.68 10.41
N GLU A 354 9.21 1.37 11.19
CA GLU A 354 8.88 1.77 12.58
C GLU A 354 8.15 3.10 12.59
N GLY A 355 6.86 3.04 12.29
CA GLY A 355 6.02 4.19 12.20
C GLY A 355 4.58 3.76 12.12
N GLY A 356 3.73 4.65 11.69
CA GLY A 356 2.32 4.39 11.62
C GLY A 356 1.59 4.46 12.93
N GLU A 357 2.29 4.97 13.97
CA GLU A 357 1.75 5.08 15.31
CA GLU A 357 1.73 5.06 15.30
C GLU A 357 2.38 6.26 16.01
N ILE A 358 1.59 7.05 16.71
CA ILE A 358 2.15 8.09 17.53
CA ILE A 358 2.08 8.14 17.55
C ILE A 358 2.37 7.47 18.90
N ALA A 359 3.59 6.96 19.06
CA ALA A 359 4.00 6.22 20.25
C ALA A 359 5.48 6.45 20.40
N VAL A 360 5.92 6.47 21.65
CA VAL A 360 7.31 6.72 21.96
C VAL A 360 8.21 5.69 21.27
N GLY A 361 9.24 6.19 20.60
CA GLY A 361 10.20 5.37 19.89
C GLY A 361 9.93 5.19 18.41
N LYS A 362 8.72 5.47 17.95
CA LYS A 362 8.41 5.40 16.54
C LYS A 362 8.98 6.63 15.85
N ASP A 363 9.27 6.51 14.56
CA ASP A 363 9.65 7.66 13.78
C ASP A 363 8.52 8.66 13.82
N ALA A 364 8.87 9.95 13.81
CA ALA A 364 7.91 11.04 13.80
C ALA A 364 7.40 11.28 12.37
N ASP A 365 6.60 10.30 11.92
CA ASP A 365 5.97 10.31 10.59
C ASP A 365 4.50 10.65 10.91
N MET A 366 4.12 11.91 10.69
CA MET A 366 2.88 12.44 11.24
C MET A 366 2.22 13.39 10.28
N GLN A 367 0.91 13.55 10.47
CA GLN A 367 0.10 14.55 9.79
C GLN A 367 -0.53 15.47 10.81
N LEU A 368 -0.52 16.76 10.52
CA LEU A 368 -1.31 17.75 11.27
C LEU A 368 -2.46 18.18 10.36
N ILE A 369 -3.69 17.92 10.76
CA ILE A 369 -4.85 18.20 9.95
C ILE A 369 -5.84 19.08 10.71
N ASP A 370 -6.68 19.78 9.98
CA ASP A 370 -7.70 20.58 10.62
C ASP A 370 -8.70 19.70 11.39
N LEU A 371 -9.12 20.20 12.55
CA LEU A 371 -10.18 19.58 13.34
C LEU A 371 -11.53 19.87 12.69
N PRO A 372 -12.33 18.83 12.32
CA PRO A 372 -13.68 19.11 11.82
C PRO A 372 -14.45 19.92 12.84
N GLU A 373 -15.13 20.95 12.35
CA GLU A 373 -15.80 21.90 13.23
C GLU A 373 -17.08 21.34 13.87
N GLY A 374 -17.40 21.86 15.04
CA GLY A 374 -18.66 21.58 15.69
C GLY A 374 -18.82 20.17 16.21
N LEU A 375 -17.71 19.50 16.48
CA LEU A 375 -17.74 18.08 16.84
C LEU A 375 -18.41 17.90 18.20
N THR A 376 -19.50 17.17 18.25
CA THR A 376 -20.18 16.88 19.49
C THR A 376 -19.62 15.67 20.22
N ASN A 377 -19.41 14.58 19.51
CA ASN A 377 -19.06 13.29 20.06
C ASN A 377 -17.66 12.96 19.59
N VAL A 378 -16.70 13.01 20.50
CA VAL A 378 -15.29 12.78 20.10
CA VAL A 378 -15.30 12.80 20.11
C VAL A 378 -15.05 11.39 19.44
N GLU A 379 -15.85 10.40 19.81
CA GLU A 379 -15.69 9.09 19.21
CA GLU A 379 -15.70 9.09 19.20
C GLU A 379 -16.01 9.09 17.71
N ASP A 380 -16.70 10.13 17.24
CA ASP A 380 -16.98 10.29 15.81
C ASP A 380 -15.78 10.86 15.04
N LEU A 381 -14.68 11.15 15.73
CA LEU A 381 -13.59 11.87 15.09
C LEU A 381 -13.05 11.14 13.87
N TYR A 382 -12.87 9.82 13.94
CA TYR A 382 -12.30 9.08 12.84
C TYR A 382 -13.15 9.25 11.58
N LEU A 383 -14.47 9.13 11.74
CA LEU A 383 -15.37 9.30 10.61
C LEU A 383 -15.24 10.69 10.02
N HIS A 384 -15.30 11.72 10.85
CA HIS A 384 -15.24 13.08 10.34
C HIS A 384 -13.88 13.41 9.73
N VAL A 385 -12.79 12.80 10.21
CA VAL A 385 -11.51 12.97 9.54
C VAL A 385 -11.62 12.47 8.10
N ILE A 386 -12.17 11.28 7.89
CA ILE A 386 -12.28 10.74 6.53
C ILE A 386 -13.18 11.62 5.68
N LEU A 387 -14.33 12.05 6.22
CA LEU A 387 -15.29 12.75 5.39
C LEU A 387 -14.84 14.15 4.98
N HIS A 388 -14.16 14.86 5.89
CA HIS A 388 -13.93 16.27 5.68
C HIS A 388 -12.52 16.66 5.29
N THR A 389 -11.57 15.75 5.39
N THR A 389 -11.54 15.79 5.42
CA THR A 389 -10.16 16.00 5.04
CA THR A 389 -10.19 16.31 5.32
C THR A 389 -9.75 15.49 3.67
C THR A 389 -9.85 16.66 3.90
N THR A 390 -9.01 16.34 2.94
N THR A 390 -9.26 17.83 3.66
CA THR A 390 -8.43 15.94 1.70
CA THR A 390 -8.81 18.15 2.31
C THR A 390 -6.95 16.29 1.67
C THR A 390 -7.40 17.56 2.15
N LYS A 391 -6.49 17.29 2.44
N LYS A 391 -6.39 18.35 2.45
CA LYS A 391 -5.02 17.70 2.53
CA LYS A 391 -5.16 17.69 2.73
C LYS A 391 -4.54 18.23 3.90
C LYS A 391 -4.57 18.23 4.00
N PRO A 392 -3.60 17.50 4.51
CA PRO A 392 -3.02 17.93 5.76
C PRO A 392 -2.42 19.32 5.65
N LYS A 393 -2.41 20.01 6.79
CA LYS A 393 -1.68 21.26 6.89
C LYS A 393 -0.17 21.08 6.95
N LYS A 394 0.28 20.03 7.64
CA LYS A 394 1.70 19.73 7.75
C LYS A 394 1.85 18.22 7.70
N VAL A 395 2.94 17.76 7.10
CA VAL A 395 3.30 16.36 7.04
C VAL A 395 4.77 16.25 7.39
N TYR A 396 5.06 15.38 8.34
CA TYR A 396 6.40 15.15 8.83
C TYR A 396 6.85 13.74 8.48
N ILE A 397 8.10 13.61 8.03
CA ILE A 397 8.74 12.32 7.83
C ILE A 397 10.01 12.36 8.66
N GLN A 398 10.11 11.47 9.64
CA GLN A 398 11.19 11.47 10.62
CA GLN A 398 11.22 11.46 10.57
C GLN A 398 11.42 12.87 11.16
N GLY A 399 10.31 13.53 11.48
CA GLY A 399 10.34 14.83 12.12
C GLY A 399 10.57 16.02 11.21
N GLU A 400 10.84 15.78 9.92
CA GLU A 400 11.10 16.87 9.00
C GLU A 400 9.81 17.23 8.29
N GLU A 401 9.42 18.50 8.35
CA GLU A 401 8.18 18.96 7.76
C GLU A 401 8.37 19.17 6.27
N HIS A 402 7.39 18.71 5.48
CA HIS A 402 7.46 18.80 4.01
C HIS A 402 6.39 19.70 3.39
C BEZ B . 1.63 -9.16 -19.66
O1 BEZ B . 2.60 -9.04 -20.46
O2 BEZ B . 1.07 -8.13 -19.19
C1 BEZ B . 1.14 -10.54 -19.29
C2 BEZ B . 2.00 -11.63 -19.37
C3 BEZ B . 1.56 -12.90 -19.03
C4 BEZ B . 0.23 -13.10 -18.62
C5 BEZ B . -0.63 -12.00 -18.52
C6 BEZ B . -0.16 -10.72 -18.85
S SO4 C . -0.19 -26.14 -23.70
O1 SO4 C . -1.27 -27.11 -24.06
O2 SO4 C . 0.65 -26.77 -22.71
O3 SO4 C . 0.62 -25.79 -24.89
O4 SO4 C . -0.74 -24.88 -23.15
FE FE2 D . -1.14 -3.75 -8.38
N1 EPE E . -19.19 -7.02 0.62
N1 EPE E . -19.24 -6.87 0.50
C2 EPE E . -20.59 -7.36 0.52
C2 EPE E . -20.58 -7.38 0.49
C3 EPE E . -21.01 -7.92 -0.84
C3 EPE E . -21.00 -8.06 -0.82
N4 EPE E . -20.01 -8.76 -1.47
N4 EPE E . -19.99 -8.97 -1.33
C5 EPE E . -18.58 -8.52 -1.31
C5 EPE E . -18.62 -8.53 -1.27
C6 EPE E . -18.18 -7.86 0.01
C6 EPE E . -18.24 -7.87 0.03
C7 EPE E . -20.55 -9.62 -2.51
C7 EPE E . -20.25 -9.66 -2.59
C8 EPE E . -19.59 -10.74 -2.91
C8 EPE E . -21.69 -10.04 -2.80
O8 EPE E . -19.84 -11.92 -2.15
O8 EPE E . -21.99 -10.98 -1.78
C9 EPE E . -18.81 -6.11 1.69
C9 EPE E . -18.84 -6.14 1.68
C10 EPE E . -18.90 -6.95 2.97
C10 EPE E . -18.94 -7.00 2.99
S EPE E . -17.97 -6.34 4.23
S EPE E . -18.00 -6.34 4.30
O1S EPE E . -18.41 -4.97 4.47
O1S EPE E . -18.45 -4.98 4.45
O2S EPE E . -18.16 -7.18 5.43
O2S EPE E . -18.21 -7.19 5.47
O3S EPE E . -16.57 -6.36 3.82
O3S EPE E . -16.62 -6.36 3.82
#